data_1A1M
#
_entry.id   1A1M
#
_cell.length_a   50.900
_cell.length_b   82.500
_cell.length_c   109.700
_cell.angle_alpha   90.00
_cell.angle_beta   90.00
_cell.angle_gamma   90.00
#
_symmetry.space_group_name_H-M   'P 21 21 21'
#
loop_
_entity.id
_entity.type
_entity.pdbx_description
1 polymer 'HLA class I histocompatibility antigen, BW-53 B*5301 alpha chain'
2 polymer Beta-2-microglobulin
3 polymer 'PEPTIDE TPYDINQML'
4 water water
#
loop_
_entity_poly.entity_id
_entity_poly.type
_entity_poly.pdbx_seq_one_letter_code
_entity_poly.pdbx_strand_id
1 'polypeptide(L)'
;GSHSMRYFYTAMSRPGRGEPRFIAVGYVDDTQFVRFDSDAASPRTEPRPPWIEQEGPEYWDRNTQIFKTNTQTYRENLRI
ALRYYNQSEAGSHIIQRMYGCDLGPDGRLLRGHDQSAYDGKDYIALNEDLSSWTAADTAAQITQRKWEAARVAEQLRAYL
EGLCVEWLRRYLENGKETLQRADPPKTHVTHHPVSDHEATLRCWALGFYPAEITLTWQRDGEDQTQDTELVETRPAGDRT
FQKWAAVVVPSGEEQRYTCHVQHEGLPKPLTLRWEPHH
;
A
2 'polypeptide(L)'
;IQRTPKIQVYSRHPAENGKSNFLNCYVSGFHPSDIEVDLLKNGERIEKVEHSDLSFSKDWSFYLLYYTEFTPTEKDEYAC
RVNHVTLSQPKIVKWDRDM
;
B
3 'polypeptide(L)' TPYDINQML C
#
# COMPACT_ATOMS: atom_id res chain seq x y z
N GLY A 1 12.16 -15.56 -0.25
CA GLY A 1 12.63 -15.81 1.14
C GLY A 1 11.49 -15.90 2.13
N SER A 2 11.23 -14.80 2.82
CA SER A 2 10.14 -14.78 3.79
C SER A 2 8.83 -14.37 3.10
N HIS A 3 7.72 -14.77 3.70
CA HIS A 3 6.40 -14.48 3.16
C HIS A 3 5.43 -14.10 4.26
N SER A 4 4.34 -13.45 3.87
CA SER A 4 3.34 -13.04 4.82
C SER A 4 1.99 -12.93 4.15
N MET A 5 0.94 -13.14 4.93
CA MET A 5 -0.44 -13.00 4.48
C MET A 5 -1.03 -11.91 5.38
N ARG A 6 -1.71 -10.93 4.80
CA ARG A 6 -2.28 -9.83 5.56
C ARG A 6 -3.69 -9.39 5.10
N TYR A 7 -4.65 -9.28 6.03
CA TYR A 7 -6.01 -8.78 5.72
C TYR A 7 -6.18 -7.38 6.28
N PHE A 8 -6.72 -6.46 5.46
CA PHE A 8 -6.94 -5.06 5.82
C PHE A 8 -8.42 -4.67 5.73
N TYR A 9 -9.02 -4.28 6.86
CA TYR A 9 -10.42 -3.86 6.92
C TYR A 9 -10.49 -2.37 7.11
N THR A 10 -11.44 -1.71 6.44
CA THR A 10 -11.67 -0.28 6.63
C THR A 10 -13.21 -0.10 6.68
N ALA A 11 -13.69 0.59 7.71
CA ALA A 11 -15.12 0.86 7.89
C ALA A 11 -15.19 2.35 8.06
N MET A 12 -15.92 3.00 7.15
CA MET A 12 -16.07 4.46 7.17
C MET A 12 -17.55 4.88 7.31
N SER A 13 -17.83 5.73 8.28
CA SER A 13 -19.17 6.22 8.47
C SER A 13 -19.31 7.50 7.63
N ARG A 14 -20.53 7.78 7.22
CA ARG A 14 -20.83 8.95 6.35
C ARG A 14 -22.27 9.32 6.71
N PRO A 15 -22.44 10.03 7.83
CA PRO A 15 -23.78 10.44 8.28
C PRO A 15 -24.56 11.19 7.22
N GLY A 16 -25.81 10.75 6.99
CA GLY A 16 -26.67 11.40 6.01
C GLY A 16 -26.45 10.89 4.60
N ARG A 17 -25.57 9.89 4.47
CA ARG A 17 -25.23 9.31 3.18
C ARG A 17 -25.20 7.81 3.22
N GLY A 18 -26.13 7.24 3.98
CA GLY A 18 -26.21 5.81 4.04
C GLY A 18 -25.47 5.25 5.21
N GLU A 19 -25.47 3.92 5.25
CA GLU A 19 -24.82 3.13 6.29
C GLU A 19 -23.32 3.11 6.09
N PRO A 20 -22.56 2.83 7.16
CA PRO A 20 -21.12 2.82 6.96
C PRO A 20 -20.64 1.75 5.97
N ARG A 21 -19.62 2.14 5.24
CA ARG A 21 -19.00 1.29 4.24
C ARG A 21 -17.89 0.39 4.81
N PHE A 22 -17.92 -0.88 4.40
CA PHE A 22 -16.91 -1.84 4.80
C PHE A 22 -16.16 -2.42 3.58
N ILE A 23 -14.82 -2.23 3.51
CA ILE A 23 -14.01 -2.87 2.45
C ILE A 23 -12.95 -3.76 3.12
N ALA A 24 -12.76 -4.94 2.56
CA ALA A 24 -11.77 -5.88 3.05
C ALA A 24 -10.93 -6.32 1.85
N VAL A 25 -9.62 -6.20 1.96
CA VAL A 25 -8.71 -6.66 0.92
C VAL A 25 -7.74 -7.68 1.56
N GLY A 26 -7.30 -8.66 0.79
CA GLY A 26 -6.37 -9.66 1.30
C GLY A 26 -5.11 -9.64 0.47
N TYR A 27 -3.98 -9.89 1.11
CA TYR A 27 -2.70 -9.90 0.44
C TYR A 27 -1.80 -11.06 0.88
N VAL A 28 -0.82 -11.35 0.04
CA VAL A 28 0.22 -12.34 0.28
C VAL A 28 1.38 -11.47 -0.20
N ASP A 29 2.27 -11.08 0.70
CA ASP A 29 3.37 -10.18 0.36
C ASP A 29 2.80 -8.92 -0.32
N ASP A 30 3.33 -8.44 -1.44
CA ASP A 30 2.74 -7.24 -2.07
C ASP A 30 1.80 -7.58 -3.23
N THR A 31 1.15 -8.74 -3.16
CA THR A 31 0.22 -9.15 -4.20
C THR A 31 -1.20 -9.22 -3.62
N GLN A 32 -2.12 -8.40 -4.14
CA GLN A 32 -3.48 -8.46 -3.66
C GLN A 32 -4.16 -9.67 -4.26
N PHE A 33 -5.02 -10.34 -3.53
CA PHE A 33 -5.68 -11.49 -4.09
C PHE A 33 -7.21 -11.58 -3.88
N VAL A 34 -7.76 -10.82 -2.94
CA VAL A 34 -9.20 -10.77 -2.70
C VAL A 34 -9.60 -9.34 -2.42
N ARG A 35 -10.91 -9.07 -2.53
CA ARG A 35 -11.52 -7.77 -2.28
C ARG A 35 -12.97 -8.01 -1.88
N PHE A 36 -13.52 -7.12 -1.07
CA PHE A 36 -14.94 -7.15 -0.67
C PHE A 36 -15.33 -5.70 -0.38
N ASP A 37 -16.47 -5.27 -0.93
CA ASP A 37 -16.95 -3.90 -0.80
C ASP A 37 -18.43 -3.96 -0.55
N SER A 38 -18.88 -3.43 0.58
CA SER A 38 -20.30 -3.49 0.90
C SER A 38 -21.07 -2.53 0.02
N ASP A 39 -20.35 -1.59 -0.57
CA ASP A 39 -20.91 -0.59 -1.49
C ASP A 39 -21.06 -1.01 -2.99
N ALA A 40 -20.96 -2.30 -3.26
CA ALA A 40 -21.06 -2.81 -4.60
C ALA A 40 -22.44 -3.43 -4.74
N ALA A 41 -23.03 -3.38 -5.93
CA ALA A 41 -24.34 -3.99 -6.15
C ALA A 41 -23.97 -5.46 -6.09
N SER A 42 -24.66 -6.21 -5.25
CA SER A 42 -24.34 -7.63 -5.05
C SER A 42 -22.90 -7.80 -4.50
N PRO A 43 -22.66 -7.39 -3.24
CA PRO A 43 -21.34 -7.49 -2.58
C PRO A 43 -20.98 -8.94 -2.30
N ARG A 44 -19.80 -9.34 -2.77
CA ARG A 44 -19.31 -10.69 -2.61
C ARG A 44 -17.81 -10.53 -2.68
N THR A 45 -17.07 -11.53 -2.21
CA THR A 45 -15.61 -11.43 -2.23
C THR A 45 -15.13 -11.77 -3.64
N GLU A 46 -14.29 -10.92 -4.23
CA GLU A 46 -13.83 -11.20 -5.58
C GLU A 46 -12.33 -11.52 -5.75
N PRO A 47 -11.95 -12.31 -6.80
CA PRO A 47 -10.55 -12.66 -7.03
C PRO A 47 -9.79 -11.53 -7.68
N ARG A 48 -8.58 -11.30 -7.18
CA ARG A 48 -7.67 -10.26 -7.66
C ARG A 48 -6.27 -10.72 -8.22
N PRO A 49 -6.02 -12.06 -8.28
CA PRO A 49 -4.81 -12.67 -8.81
C PRO A 49 -5.22 -14.00 -9.47
N PRO A 50 -4.45 -14.44 -10.47
CA PRO A 50 -4.75 -15.68 -11.19
C PRO A 50 -4.92 -16.92 -10.33
N TRP A 51 -4.06 -17.08 -9.32
CA TRP A 51 -4.03 -18.28 -8.47
C TRP A 51 -5.14 -18.60 -7.51
N ILE A 52 -5.95 -17.60 -7.16
CA ILE A 52 -7.05 -17.81 -6.21
C ILE A 52 -8.35 -18.24 -6.87
N GLU A 53 -8.43 -18.02 -8.18
CA GLU A 53 -9.63 -18.35 -8.97
C GLU A 53 -9.99 -19.80 -8.97
N GLN A 54 -9.00 -20.66 -8.81
CA GLN A 54 -9.23 -22.09 -8.77
C GLN A 54 -9.94 -22.53 -7.50
N GLU A 55 -10.08 -21.63 -6.51
CA GLU A 55 -10.74 -22.01 -5.27
C GLU A 55 -12.21 -22.31 -5.53
N GLY A 56 -12.72 -23.37 -4.91
CA GLY A 56 -14.11 -23.75 -5.09
C GLY A 56 -15.19 -22.76 -4.63
N PRO A 57 -16.46 -23.06 -4.95
CA PRO A 57 -17.60 -22.21 -4.58
C PRO A 57 -17.76 -22.04 -3.08
N GLU A 58 -17.57 -23.13 -2.34
CA GLU A 58 -17.70 -23.08 -0.88
C GLU A 58 -16.69 -22.13 -0.24
N TYR A 59 -15.57 -21.89 -0.92
CA TYR A 59 -14.54 -20.97 -0.44
C TYR A 59 -15.06 -19.54 -0.51
N TRP A 60 -15.62 -19.20 -1.67
CA TRP A 60 -16.17 -17.86 -1.92
C TRP A 60 -17.40 -17.55 -1.06
N ASP A 61 -18.16 -18.56 -0.73
CA ASP A 61 -19.32 -18.36 0.11
C ASP A 61 -18.80 -18.17 1.53
N ARG A 62 -17.87 -19.04 1.96
CA ARG A 62 -17.31 -18.91 3.30
C ARG A 62 -16.81 -17.48 3.46
N ASN A 63 -16.08 -16.98 2.48
CA ASN A 63 -15.53 -15.63 2.53
C ASN A 63 -16.62 -14.55 2.58
N THR A 64 -17.51 -14.56 1.60
CA THR A 64 -18.60 -13.58 1.53
C THR A 64 -19.42 -13.52 2.81
N GLN A 65 -19.78 -14.68 3.34
CA GLN A 65 -20.56 -14.76 4.57
C GLN A 65 -19.83 -14.17 5.79
N ILE A 66 -18.51 -14.21 5.77
CA ILE A 66 -17.71 -13.66 6.87
C ILE A 66 -17.68 -12.15 6.77
N PHE A 67 -17.43 -11.64 5.57
CA PHE A 67 -17.35 -10.22 5.29
C PHE A 67 -18.70 -9.52 5.39
N LYS A 68 -19.79 -10.23 5.07
CA LYS A 68 -21.11 -9.62 5.23
C LYS A 68 -21.32 -9.44 6.75
N THR A 69 -21.01 -10.50 7.51
CA THR A 69 -21.14 -10.41 8.94
C THR A 69 -20.24 -9.32 9.51
N ASN A 70 -19.05 -9.15 8.96
CA ASN A 70 -18.13 -8.12 9.45
C ASN A 70 -18.61 -6.72 9.14
N THR A 71 -19.42 -6.60 8.08
CA THR A 71 -19.98 -5.30 7.71
C THR A 71 -20.91 -4.84 8.84
N GLN A 72 -21.79 -5.74 9.29
CA GLN A 72 -22.73 -5.45 10.38
C GLN A 72 -22.02 -5.12 11.71
N THR A 73 -21.01 -5.92 12.04
CA THR A 73 -20.20 -5.77 13.24
C THR A 73 -19.44 -4.44 13.26
N TYR A 74 -18.74 -4.11 12.19
CA TYR A 74 -18.03 -2.86 12.18
C TYR A 74 -18.94 -1.64 12.20
N ARG A 75 -20.22 -1.83 11.84
CA ARG A 75 -21.20 -0.74 11.89
C ARG A 75 -21.56 -0.49 13.37
N GLU A 76 -21.71 -1.57 14.12
CA GLU A 76 -21.96 -1.50 15.56
C GLU A 76 -20.72 -0.91 16.24
N ASN A 77 -19.52 -1.35 15.87
CA ASN A 77 -18.29 -0.83 16.48
C ASN A 77 -18.14 0.67 16.29
N LEU A 78 -18.55 1.21 15.14
CA LEU A 78 -18.46 2.66 14.87
C LEU A 78 -19.40 3.47 15.78
N ARG A 79 -20.55 2.87 16.13
CA ARG A 79 -21.55 3.47 17.03
C ARG A 79 -20.99 3.40 18.47
N ILE A 80 -20.50 2.20 18.86
CA ILE A 80 -19.90 2.00 20.17
C ILE A 80 -18.79 3.03 20.33
N ALA A 81 -17.93 3.14 19.32
CA ALA A 81 -16.78 4.07 19.35
C ALA A 81 -17.15 5.53 19.61
N LEU A 82 -18.39 5.91 19.32
CA LEU A 82 -18.86 7.27 19.57
C LEU A 82 -19.10 7.41 21.07
N ARG A 83 -19.71 6.41 21.68
CA ARG A 83 -19.95 6.42 23.11
C ARG A 83 -18.60 6.58 23.83
N TYR A 84 -17.71 5.61 23.60
CA TYR A 84 -16.35 5.59 24.20
C TYR A 84 -15.58 6.90 24.18
N TYR A 85 -15.80 7.73 23.16
CA TYR A 85 -15.12 9.01 23.06
C TYR A 85 -16.04 10.21 23.18
N ASN A 86 -17.29 10.01 23.57
CA ASN A 86 -18.25 11.12 23.72
C ASN A 86 -18.37 11.95 22.45
N GLN A 87 -18.47 11.27 21.30
CA GLN A 87 -18.56 11.96 20.03
C GLN A 87 -19.99 12.04 19.47
N SER A 88 -20.23 13.11 18.73
CA SER A 88 -21.51 13.38 18.08
C SER A 88 -21.82 12.38 16.95
N GLU A 89 -23.08 12.27 16.61
CA GLU A 89 -23.51 11.37 15.52
C GLU A 89 -23.49 12.06 14.13
N ALA A 90 -22.82 13.21 14.05
CA ALA A 90 -22.71 14.01 12.85
C ALA A 90 -21.38 13.90 12.11
N GLY A 91 -20.33 13.53 12.84
CA GLY A 91 -19.03 13.43 12.21
C GLY A 91 -18.84 12.10 11.50
N SER A 92 -17.92 12.09 10.55
CA SER A 92 -17.57 10.89 9.77
C SER A 92 -16.34 10.31 10.46
N HIS A 93 -16.33 8.99 10.68
CA HIS A 93 -15.21 8.34 11.35
C HIS A 93 -14.82 7.03 10.70
N ILE A 94 -13.58 6.59 10.96
CA ILE A 94 -13.01 5.35 10.39
C ILE A 94 -12.37 4.36 11.40
N ILE A 95 -12.69 3.09 11.28
CA ILE A 95 -12.08 2.05 12.07
C ILE A 95 -11.31 1.20 11.02
N GLN A 96 -10.05 0.89 11.32
CA GLN A 96 -9.22 0.07 10.47
C GLN A 96 -8.66 -1.12 11.27
N ARG A 97 -8.55 -2.29 10.64
CA ARG A 97 -7.97 -3.45 11.29
C ARG A 97 -6.98 -4.12 10.30
N MET A 98 -5.78 -4.43 10.80
CA MET A 98 -4.68 -5.07 10.06
C MET A 98 -4.34 -6.37 10.76
N TYR A 99 -4.33 -7.50 10.08
CA TYR A 99 -3.99 -8.74 10.74
C TYR A 99 -3.44 -9.80 9.79
N GLY A 100 -2.69 -10.73 10.35
CA GLY A 100 -2.11 -11.80 9.55
C GLY A 100 -0.87 -12.45 10.17
N CYS A 101 -0.29 -13.41 9.46
CA CYS A 101 0.88 -14.13 9.91
C CYS A 101 2.08 -13.97 9.02
N ASP A 102 3.26 -14.09 9.62
CA ASP A 102 4.54 -14.04 8.93
C ASP A 102 5.09 -15.45 8.98
N LEU A 103 5.65 -15.87 7.86
CA LEU A 103 6.22 -17.21 7.70
C LEU A 103 7.70 -17.04 7.65
N GLY A 104 8.41 -17.80 8.47
CA GLY A 104 9.86 -17.71 8.50
C GLY A 104 10.38 -18.43 7.28
N PRO A 105 11.48 -17.96 6.64
CA PRO A 105 12.10 -18.54 5.45
C PRO A 105 12.41 -20.04 5.59
N ASP A 106 11.35 -20.82 5.76
CA ASP A 106 11.40 -22.25 5.94
C ASP A 106 9.95 -22.69 5.82
N GLY A 107 9.04 -21.99 6.51
CA GLY A 107 7.63 -22.35 6.42
C GLY A 107 6.87 -22.55 7.73
N ARG A 108 7.39 -22.05 8.84
CA ARG A 108 6.68 -22.16 10.12
C ARG A 108 6.41 -20.72 10.59
N LEU A 109 5.36 -20.57 11.41
CA LEU A 109 4.97 -19.26 11.94
C LEU A 109 6.09 -18.50 12.65
N LEU A 110 6.48 -17.37 12.07
CA LEU A 110 7.52 -16.50 12.63
C LEU A 110 6.88 -15.51 13.65
N ARG A 111 5.69 -15.01 13.32
CA ARG A 111 4.93 -14.13 14.21
C ARG A 111 3.56 -13.77 13.66
N GLY A 112 2.61 -13.61 14.59
CA GLY A 112 1.24 -13.22 14.28
C GLY A 112 1.07 -11.73 14.53
N HIS A 113 0.03 -11.14 13.92
CA HIS A 113 -0.29 -9.71 14.00
C HIS A 113 -1.76 -9.44 14.04
N ASP A 114 -2.16 -8.37 14.73
CA ASP A 114 -3.56 -7.92 14.82
C ASP A 114 -3.67 -6.59 15.56
N GLN A 115 -3.75 -5.49 14.80
CA GLN A 115 -3.87 -4.12 15.28
C GLN A 115 -5.18 -3.47 14.85
N SER A 116 -5.68 -2.51 15.62
CA SER A 116 -6.90 -1.80 15.25
C SER A 116 -6.63 -0.33 15.43
N ALA A 117 -7.32 0.52 14.66
CA ALA A 117 -7.10 1.95 14.77
C ALA A 117 -8.44 2.67 14.74
N TYR A 118 -8.49 3.85 15.36
CA TYR A 118 -9.70 4.65 15.35
C TYR A 118 -9.24 5.98 14.82
N ASP A 119 -9.84 6.40 13.70
CA ASP A 119 -9.50 7.66 13.06
C ASP A 119 -8.02 7.89 12.79
N GLY A 120 -7.34 6.80 12.40
CA GLY A 120 -5.91 6.83 12.06
C GLY A 120 -4.91 6.73 13.21
N LYS A 121 -5.44 6.49 14.41
CA LYS A 121 -4.63 6.39 15.62
C LYS A 121 -4.83 5.01 16.18
N ASP A 122 -3.74 4.45 16.73
CA ASP A 122 -3.76 3.11 17.34
C ASP A 122 -4.84 3.07 18.39
N TYR A 123 -5.50 1.94 18.48
CA TYR A 123 -6.56 1.72 19.43
C TYR A 123 -6.15 0.53 20.31
N ILE A 124 -6.24 -0.67 19.75
CA ILE A 124 -5.84 -1.88 20.44
C ILE A 124 -4.95 -2.78 19.50
N ALA A 125 -3.98 -3.48 20.08
CA ALA A 125 -3.09 -4.35 19.31
C ALA A 125 -2.81 -5.62 20.06
N LEU A 126 -2.87 -6.77 19.39
CA LEU A 126 -2.54 -8.04 20.04
C LEU A 126 -1.00 -8.02 20.15
N ASN A 127 -0.48 -8.38 21.33
CA ASN A 127 0.96 -8.39 21.57
C ASN A 127 1.55 -9.63 20.88
N GLU A 128 2.87 -9.65 20.69
CA GLU A 128 3.51 -10.75 19.97
C GLU A 128 3.32 -12.10 20.59
N ASP A 129 2.99 -12.13 21.87
CA ASP A 129 2.78 -13.41 22.55
C ASP A 129 1.47 -14.03 22.14
N LEU A 130 0.66 -13.29 21.38
CA LEU A 130 -0.65 -13.78 20.90
C LEU A 130 -1.53 -14.23 22.05
N SER A 131 -1.40 -13.55 23.19
CA SER A 131 -2.16 -13.88 24.40
C SER A 131 -2.61 -12.70 25.21
N SER A 132 -2.05 -11.53 24.97
CA SER A 132 -2.41 -10.33 25.69
C SER A 132 -2.65 -9.12 24.75
N TRP A 133 -3.10 -7.98 25.30
CA TRP A 133 -3.40 -6.80 24.48
C TRP A 133 -2.75 -5.51 24.97
N THR A 134 -2.55 -4.57 24.05
CA THR A 134 -2.01 -3.26 24.38
C THR A 134 -3.03 -2.23 23.88
N ALA A 135 -3.82 -1.71 24.82
CA ALA A 135 -4.83 -0.68 24.56
C ALA A 135 -4.14 0.68 24.66
N ALA A 136 -4.40 1.55 23.67
CA ALA A 136 -3.80 2.87 23.60
C ALA A 136 -4.36 3.97 24.49
N ASP A 137 -5.56 3.75 25.04
CA ASP A 137 -6.20 4.76 25.87
C ASP A 137 -7.30 4.11 26.70
N THR A 138 -7.99 4.94 27.49
CA THR A 138 -9.06 4.45 28.37
C THR A 138 -10.25 3.82 27.70
N ALA A 139 -10.51 4.19 26.45
CA ALA A 139 -11.62 3.65 25.66
C ALA A 139 -11.20 2.27 25.19
N ALA A 140 -9.96 2.16 24.74
CA ALA A 140 -9.50 0.87 24.26
C ALA A 140 -9.44 -0.16 25.40
N GLN A 141 -9.26 0.32 26.65
CA GLN A 141 -9.22 -0.56 27.84
C GLN A 141 -10.58 -1.18 28.03
N ILE A 142 -11.63 -0.45 27.68
CA ILE A 142 -12.98 -1.00 27.79
C ILE A 142 -12.99 -2.18 26.83
N THR A 143 -12.52 -1.99 25.62
CA THR A 143 -12.51 -3.07 24.63
C THR A 143 -11.60 -4.23 25.07
N GLN A 144 -10.43 -3.91 25.64
CA GLN A 144 -9.47 -4.90 26.14
C GLN A 144 -10.14 -5.90 27.08
N ARG A 145 -10.75 -5.41 28.16
CA ARG A 145 -11.42 -6.29 29.12
C ARG A 145 -12.60 -7.04 28.53
N LYS A 146 -13.27 -6.45 27.55
CA LYS A 146 -14.38 -7.16 26.92
C LYS A 146 -13.76 -8.37 26.19
N TRP A 147 -12.60 -8.15 25.57
CA TRP A 147 -11.91 -9.19 24.81
C TRP A 147 -11.27 -10.24 25.72
N GLU A 148 -10.60 -9.75 26.77
CA GLU A 148 -9.97 -10.64 27.73
C GLU A 148 -11.09 -11.50 28.31
N ALA A 149 -12.19 -10.87 28.71
CA ALA A 149 -13.33 -11.59 29.29
C ALA A 149 -13.97 -12.59 28.35
N ALA A 150 -13.67 -12.50 27.06
CA ALA A 150 -14.24 -13.43 26.09
C ALA A 150 -13.17 -14.30 25.44
N ARG A 151 -11.94 -14.21 25.96
CA ARG A 151 -10.82 -15.00 25.46
C ARG A 151 -10.74 -14.93 23.94
N VAL A 152 -10.68 -13.72 23.42
CA VAL A 152 -10.60 -13.52 21.96
C VAL A 152 -9.20 -13.91 21.50
N ALA A 153 -8.20 -13.47 22.28
CA ALA A 153 -6.80 -13.75 22.03
C ALA A 153 -6.61 -15.25 21.79
N GLU A 154 -7.37 -16.08 22.49
CA GLU A 154 -7.28 -17.52 22.30
C GLU A 154 -7.63 -17.95 20.88
N GLN A 155 -8.77 -17.47 20.37
CA GLN A 155 -9.25 -17.82 19.03
C GLN A 155 -8.32 -17.35 17.92
N LEU A 156 -7.69 -16.21 18.17
CA LEU A 156 -6.78 -15.53 17.30
C LEU A 156 -5.45 -16.25 17.19
N ARG A 157 -4.95 -16.70 18.34
CA ARG A 157 -3.68 -17.45 18.40
C ARG A 157 -3.88 -18.71 17.57
N ALA A 158 -5.04 -19.34 17.72
CA ALA A 158 -5.33 -20.57 16.97
C ALA A 158 -5.41 -20.29 15.47
N TYR A 159 -5.97 -19.14 15.07
CA TYR A 159 -6.03 -18.79 13.66
C TYR A 159 -4.59 -18.47 13.16
N LEU A 160 -3.94 -17.51 13.77
CA LEU A 160 -2.60 -17.14 13.39
C LEU A 160 -1.60 -18.31 13.37
N GLU A 161 -1.76 -19.27 14.29
CA GLU A 161 -0.86 -20.44 14.37
C GLU A 161 -1.25 -21.60 13.48
N GLY A 162 -2.55 -21.75 13.21
CA GLY A 162 -3.03 -22.84 12.38
C GLY A 162 -3.45 -22.43 10.99
N LEU A 163 -4.74 -22.17 10.84
CA LEU A 163 -5.32 -21.77 9.55
C LEU A 163 -4.61 -20.70 8.75
N CYS A 164 -4.07 -19.69 9.41
CA CYS A 164 -3.44 -18.62 8.69
C CYS A 164 -2.20 -19.09 7.94
N VAL A 165 -1.47 -20.01 8.55
CA VAL A 165 -0.26 -20.55 7.98
C VAL A 165 -0.61 -21.62 6.92
N GLU A 166 -1.56 -22.50 7.26
CA GLU A 166 -2.03 -23.52 6.33
C GLU A 166 -2.34 -22.87 4.97
N TRP A 167 -3.24 -21.87 4.97
CA TRP A 167 -3.65 -21.19 3.73
C TRP A 167 -2.58 -20.40 3.05
N LEU A 168 -1.77 -19.71 3.82
CA LEU A 168 -0.72 -18.93 3.22
C LEU A 168 0.21 -19.86 2.42
N ARG A 169 0.53 -21.01 3.00
CA ARG A 169 1.39 -21.98 2.36
C ARG A 169 0.72 -22.56 1.16
N ARG A 170 -0.59 -22.69 1.24
CA ARG A 170 -1.38 -23.21 0.16
C ARG A 170 -1.40 -22.23 -1.01
N TYR A 171 -1.60 -20.94 -0.71
CA TYR A 171 -1.63 -19.89 -1.73
C TYR A 171 -0.24 -19.76 -2.35
N LEU A 172 0.78 -19.93 -1.51
CA LEU A 172 2.17 -19.84 -1.95
C LEU A 172 2.53 -20.93 -2.98
N GLU A 173 1.97 -22.12 -2.82
CA GLU A 173 2.23 -23.22 -3.73
C GLU A 173 1.49 -22.97 -5.06
N ASN A 174 0.19 -22.68 -4.97
CA ASN A 174 -0.63 -22.41 -6.16
C ASN A 174 -0.18 -21.23 -7.00
N GLY A 175 0.41 -20.23 -6.35
CA GLY A 175 0.88 -19.04 -7.06
C GLY A 175 2.37 -18.94 -7.16
N LYS A 176 2.99 -20.13 -7.23
CA LYS A 176 4.44 -20.35 -7.32
C LYS A 176 5.18 -19.48 -8.30
N GLU A 177 4.76 -19.46 -9.56
CA GLU A 177 5.41 -18.67 -10.60
C GLU A 177 5.62 -17.20 -10.33
N THR A 178 4.75 -16.61 -9.53
CA THR A 178 4.80 -15.19 -9.21
C THR A 178 5.10 -14.92 -7.73
N LEU A 179 4.34 -15.56 -6.85
CA LEU A 179 4.54 -15.35 -5.43
C LEU A 179 5.97 -15.69 -5.02
N GLN A 180 6.49 -16.82 -5.49
CA GLN A 180 7.84 -17.26 -5.15
C GLN A 180 8.94 -16.87 -6.17
N ARG A 181 8.69 -15.83 -6.95
CA ARG A 181 9.65 -15.38 -7.94
C ARG A 181 9.96 -13.91 -7.71
N ALA A 182 11.22 -13.56 -7.56
CA ALA A 182 11.63 -12.19 -7.37
C ALA A 182 12.18 -11.69 -8.69
N ASP A 183 11.75 -10.50 -9.09
CA ASP A 183 12.22 -9.86 -10.30
C ASP A 183 13.15 -8.76 -9.89
N PRO A 184 14.45 -8.92 -10.20
CA PRO A 184 15.38 -7.85 -9.80
C PRO A 184 15.06 -6.56 -10.54
N PRO A 185 15.55 -5.42 -10.04
CA PRO A 185 15.27 -4.17 -10.71
C PRO A 185 16.25 -3.90 -11.85
N LYS A 186 15.83 -3.05 -12.78
CA LYS A 186 16.66 -2.64 -13.89
C LYS A 186 17.20 -1.32 -13.35
N THR A 187 18.51 -1.12 -13.43
CA THR A 187 19.07 0.09 -12.90
C THR A 187 19.84 0.97 -13.86
N HIS A 188 19.90 2.27 -13.55
CA HIS A 188 20.63 3.22 -14.37
C HIS A 188 20.66 4.58 -13.71
N VAL A 189 21.70 5.34 -13.98
CA VAL A 189 21.84 6.68 -13.41
C VAL A 189 21.65 7.77 -14.47
N THR A 190 20.73 8.70 -14.22
CA THR A 190 20.51 9.80 -15.15
C THR A 190 21.17 11.07 -14.61
N HIS A 191 21.38 12.04 -15.50
CA HIS A 191 22.05 13.28 -15.16
C HIS A 191 21.30 14.47 -15.77
N HIS A 192 20.98 15.44 -14.93
CA HIS A 192 20.25 16.63 -15.36
C HIS A 192 20.94 17.82 -14.72
N PRO A 193 21.55 18.68 -15.53
CA PRO A 193 22.25 19.87 -15.01
C PRO A 193 21.27 20.77 -14.21
N VAL A 194 21.76 21.53 -13.25
CA VAL A 194 20.86 22.40 -12.50
C VAL A 194 21.54 23.73 -12.26
N SER A 195 22.67 23.94 -12.91
CA SER A 195 23.43 25.16 -12.71
C SER A 195 24.70 24.91 -13.49
N ASP A 196 25.62 25.85 -13.46
CA ASP A 196 26.91 25.65 -14.08
C ASP A 196 27.83 24.97 -13.06
N HIS A 197 27.44 24.96 -11.79
CA HIS A 197 28.27 24.37 -10.74
C HIS A 197 27.64 23.15 -10.07
N GLU A 198 26.40 22.78 -10.41
CA GLU A 198 25.78 21.62 -9.78
C GLU A 198 24.95 20.87 -10.81
N ALA A 199 24.79 19.56 -10.65
CA ALA A 199 23.99 18.74 -11.55
C ALA A 199 23.34 17.69 -10.69
N THR A 200 22.20 17.16 -11.12
CA THR A 200 21.49 16.11 -10.38
C THR A 200 21.75 14.70 -10.92
N LEU A 201 22.19 13.79 -10.06
CA LEU A 201 22.42 12.41 -10.48
C LEU A 201 21.21 11.65 -9.91
N ARG A 202 20.55 10.86 -10.71
CA ARG A 202 19.39 10.15 -10.22
C ARG A 202 19.49 8.69 -10.54
N CYS A 203 19.55 7.88 -9.50
CA CYS A 203 19.66 6.45 -9.64
C CYS A 203 18.26 5.89 -9.68
N TRP A 204 17.94 5.09 -10.70
CA TRP A 204 16.63 4.47 -10.88
C TRP A 204 16.63 2.96 -10.66
N ALA A 205 15.48 2.46 -10.22
CA ALA A 205 15.23 1.06 -9.97
C ALA A 205 13.80 0.86 -10.52
N LEU A 206 13.61 -0.06 -11.47
CA LEU A 206 12.31 -0.28 -12.08
C LEU A 206 12.11 -1.77 -12.36
N GLY A 207 10.86 -2.20 -12.52
CA GLY A 207 10.57 -3.59 -12.81
C GLY A 207 10.72 -4.64 -11.69
N PHE A 208 10.99 -4.18 -10.48
CA PHE A 208 11.20 -5.10 -9.39
C PHE A 208 10.02 -5.51 -8.54
N TYR A 209 10.11 -6.74 -8.05
CA TYR A 209 9.13 -7.35 -7.16
C TYR A 209 9.92 -8.33 -6.27
N PRO A 210 9.67 -8.32 -4.93
CA PRO A 210 8.71 -7.49 -4.19
C PRO A 210 9.15 -6.06 -4.01
N ALA A 211 8.33 -5.27 -3.32
CA ALA A 211 8.57 -3.85 -3.09
C ALA A 211 9.77 -3.46 -2.30
N GLU A 212 10.17 -4.30 -1.34
CA GLU A 212 11.35 -4.04 -0.49
C GLU A 212 12.65 -3.79 -1.31
N ILE A 213 13.27 -2.65 -1.12
CA ILE A 213 14.49 -2.37 -1.84
C ILE A 213 15.25 -1.30 -1.02
N THR A 214 16.57 -1.16 -1.25
CA THR A 214 17.41 -0.15 -0.59
C THR A 214 18.25 0.55 -1.65
N LEU A 215 18.23 1.89 -1.68
CA LEU A 215 19.02 2.67 -2.64
C LEU A 215 19.76 3.71 -1.82
N THR A 216 21.05 3.87 -2.11
CA THR A 216 21.90 4.78 -1.38
C THR A 216 22.89 5.43 -2.32
N TRP A 217 23.30 6.63 -1.99
CA TRP A 217 24.27 7.31 -2.82
C TRP A 217 25.39 7.45 -1.87
N GLN A 218 26.59 7.21 -2.34
CA GLN A 218 27.76 7.36 -1.51
C GLN A 218 28.68 8.33 -2.23
N ARG A 219 29.32 9.21 -1.48
CA ARG A 219 30.28 10.16 -2.06
C ARG A 219 31.61 9.81 -1.38
N ASP A 220 32.59 9.35 -2.16
CA ASP A 220 33.88 8.98 -1.61
C ASP A 220 33.69 7.88 -0.59
N GLY A 221 32.67 7.06 -0.79
CA GLY A 221 32.39 5.97 0.14
C GLY A 221 31.53 6.29 1.35
N GLU A 222 31.25 7.57 1.57
CA GLU A 222 30.43 8.01 2.70
C GLU A 222 28.95 8.10 2.27
N ASP A 223 28.06 7.45 3.01
CA ASP A 223 26.61 7.51 2.69
C ASP A 223 26.13 8.97 2.71
N GLN A 224 25.28 9.34 1.77
CA GLN A 224 24.76 10.70 1.70
C GLN A 224 23.29 10.72 2.15
N THR A 225 23.08 9.97 3.23
CA THR A 225 21.80 9.78 3.91
C THR A 225 20.98 11.06 4.03
N GLN A 226 21.60 12.08 4.60
CA GLN A 226 20.96 13.37 4.82
C GLN A 226 20.92 14.27 3.59
N ASP A 227 21.55 13.84 2.49
CA ASP A 227 21.56 14.65 1.26
C ASP A 227 20.81 14.02 0.08
N THR A 228 20.37 12.78 0.23
CA THR A 228 19.65 12.05 -0.81
C THR A 228 18.12 12.18 -0.76
N GLU A 229 17.54 12.72 -1.83
CA GLU A 229 16.10 12.80 -1.89
C GLU A 229 15.66 11.44 -2.38
N LEU A 230 14.83 10.73 -1.62
CA LEU A 230 14.33 9.42 -2.02
C LEU A 230 12.83 9.56 -2.23
N VAL A 231 12.28 8.97 -3.29
CA VAL A 231 10.83 9.05 -3.44
C VAL A 231 10.27 7.76 -2.88
N GLU A 232 9.00 7.79 -2.51
CA GLU A 232 8.39 6.61 -1.97
C GLU A 232 8.20 5.58 -3.07
N THR A 233 8.48 4.34 -2.73
CA THR A 233 8.32 3.25 -3.64
C THR A 233 6.86 3.20 -4.19
N ARG A 234 6.73 3.23 -5.52
CA ARG A 234 5.42 3.25 -6.18
C ARG A 234 5.16 2.06 -7.06
N PRO A 235 3.87 1.73 -7.27
CA PRO A 235 3.52 0.59 -8.12
C PRO A 235 3.43 1.00 -9.63
N ALA A 236 4.04 0.20 -10.50
CA ALA A 236 4.04 0.45 -11.94
C ALA A 236 2.68 0.11 -12.52
N GLY A 237 2.11 -0.97 -12.04
CA GLY A 237 0.80 -1.39 -12.52
C GLY A 237 0.84 -2.79 -13.07
N ASP A 238 2.03 -3.30 -13.33
CA ASP A 238 2.25 -4.66 -13.86
C ASP A 238 2.58 -5.67 -12.75
N ARG A 239 2.53 -5.18 -11.50
CA ARG A 239 2.79 -5.89 -10.25
C ARG A 239 4.12 -5.49 -9.66
N THR A 240 4.96 -4.88 -10.49
CA THR A 240 6.29 -4.44 -10.10
C THR A 240 6.28 -3.05 -9.49
N PHE A 241 7.44 -2.58 -9.03
CA PHE A 241 7.54 -1.27 -8.40
C PHE A 241 8.62 -0.43 -8.97
N GLN A 242 8.65 0.83 -8.56
CA GLN A 242 9.64 1.78 -9.02
C GLN A 242 10.06 2.62 -7.84
N LYS A 243 11.29 3.10 -7.85
CA LYS A 243 11.80 3.97 -6.81
C LYS A 243 13.04 4.62 -7.40
N TRP A 244 13.42 5.81 -6.91
CA TRP A 244 14.63 6.45 -7.34
C TRP A 244 15.23 7.25 -6.20
N ALA A 245 16.55 7.51 -6.28
CA ALA A 245 17.28 8.27 -5.27
C ALA A 245 18.05 9.34 -6.03
N ALA A 246 18.10 10.56 -5.52
CA ALA A 246 18.79 11.63 -6.23
C ALA A 246 19.64 12.45 -5.30
N VAL A 247 20.69 13.04 -5.86
CA VAL A 247 21.61 13.86 -5.08
C VAL A 247 22.14 14.97 -6.04
N VAL A 248 22.37 16.18 -5.53
CA VAL A 248 22.90 17.27 -6.36
C VAL A 248 24.37 17.39 -6.08
N VAL A 249 25.13 17.07 -7.10
CA VAL A 249 26.58 17.03 -7.07
C VAL A 249 27.20 18.23 -7.74
N PRO A 250 28.41 18.62 -7.32
CA PRO A 250 29.06 19.77 -7.97
C PRO A 250 29.59 19.33 -9.34
N SER A 251 29.49 20.21 -10.35
CA SER A 251 29.98 19.89 -11.68
C SER A 251 31.46 19.49 -11.69
N GLY A 252 31.74 18.37 -12.34
CA GLY A 252 33.11 17.84 -12.40
C GLY A 252 33.42 16.81 -11.31
N GLU A 253 32.47 16.59 -10.39
CA GLU A 253 32.68 15.64 -9.33
C GLU A 253 31.78 14.40 -9.42
N GLU A 254 31.03 14.25 -10.49
CA GLU A 254 30.13 13.11 -10.57
C GLU A 254 30.72 11.72 -10.44
N GLN A 255 32.04 11.59 -10.59
CA GLN A 255 32.65 10.29 -10.47
C GLN A 255 32.93 9.83 -9.03
N ARG A 256 32.86 10.78 -8.11
CA ARG A 256 33.08 10.47 -6.72
C ARG A 256 31.82 9.83 -6.11
N TYR A 257 30.77 9.76 -6.91
CA TYR A 257 29.48 9.27 -6.45
C TYR A 257 29.10 7.90 -6.97
N THR A 258 28.60 7.06 -6.08
CA THR A 258 28.15 5.70 -6.45
C THR A 258 26.80 5.45 -5.83
N CYS A 259 26.03 4.68 -6.54
CA CYS A 259 24.71 4.36 -6.12
C CYS A 259 24.70 2.91 -5.78
N HIS A 260 24.12 2.56 -4.64
CA HIS A 260 24.09 1.17 -4.23
C HIS A 260 22.68 0.67 -4.16
N VAL A 261 22.47 -0.53 -4.74
CA VAL A 261 21.16 -1.18 -4.80
C VAL A 261 21.18 -2.56 -4.11
N GLN A 262 20.15 -2.88 -3.32
CA GLN A 262 20.08 -4.19 -2.64
C GLN A 262 18.68 -4.70 -2.81
N HIS A 263 18.50 -5.88 -3.36
CA HIS A 263 17.16 -6.42 -3.57
C HIS A 263 17.32 -7.93 -3.50
N GLU A 264 16.34 -8.63 -2.94
CA GLU A 264 16.44 -10.07 -2.85
C GLU A 264 16.44 -10.76 -4.21
N GLY A 265 16.33 -9.97 -5.28
CA GLY A 265 16.33 -10.51 -6.64
C GLY A 265 17.74 -10.49 -7.22
N LEU A 266 18.62 -9.73 -6.60
CA LEU A 266 20.01 -9.60 -7.00
C LEU A 266 20.85 -10.55 -6.13
N PRO A 267 21.80 -11.28 -6.74
CA PRO A 267 22.67 -12.21 -6.00
C PRO A 267 23.62 -11.44 -5.09
N LYS A 268 24.16 -10.34 -5.62
CA LYS A 268 25.07 -9.44 -4.89
C LYS A 268 24.59 -7.99 -5.06
N PRO A 269 24.88 -7.11 -4.08
CA PRO A 269 24.46 -5.70 -4.17
C PRO A 269 25.17 -4.98 -5.33
N LEU A 270 24.42 -4.13 -6.04
CA LEU A 270 24.94 -3.39 -7.20
C LEU A 270 25.44 -2.01 -6.88
N THR A 271 26.51 -1.63 -7.56
CA THR A 271 27.08 -0.30 -7.44
C THR A 271 26.98 0.25 -8.86
N LEU A 272 26.51 1.49 -9.02
CA LEU A 272 26.45 2.09 -10.35
C LEU A 272 26.95 3.49 -10.20
N ARG A 273 27.30 4.07 -11.34
CA ARG A 273 27.79 5.44 -11.44
C ARG A 273 27.25 6.00 -12.76
N TRP A 274 27.33 7.31 -12.93
CA TRP A 274 26.86 7.94 -14.14
C TRP A 274 27.74 7.48 -15.30
N GLU A 275 27.12 7.16 -16.42
CA GLU A 275 27.83 6.72 -17.61
C GLU A 275 27.71 7.71 -18.76
N PRO A 276 28.44 8.84 -18.68
CA PRO A 276 28.36 9.80 -19.79
C PRO A 276 28.96 9.09 -20.99
N HIS A 277 28.14 8.69 -21.95
CA HIS A 277 28.69 7.99 -23.12
C HIS A 277 29.55 8.84 -24.06
N HIS A 278 30.76 9.16 -23.57
CA HIS A 278 31.78 9.97 -24.25
C HIS A 278 31.35 11.45 -24.33
N ILE B 1 -6.10 11.92 13.34
CA ILE B 1 -6.72 13.12 12.72
C ILE B 1 -6.47 13.27 11.18
N GLN B 2 -5.96 14.40 10.66
CA GLN B 2 -5.82 14.58 9.20
C GLN B 2 -4.48 14.74 8.50
N ARG B 3 -4.27 13.90 7.48
CA ARG B 3 -3.02 13.87 6.68
C ARG B 3 -3.25 14.09 5.20
N THR B 4 -2.44 14.95 4.62
CA THR B 4 -2.53 15.32 3.22
C THR B 4 -1.89 14.29 2.27
N PRO B 5 -2.48 14.07 1.07
CA PRO B 5 -1.87 13.09 0.18
C PRO B 5 -0.59 13.49 -0.54
N LYS B 6 0.29 12.51 -0.69
CA LYS B 6 1.53 12.68 -1.44
C LYS B 6 1.08 12.28 -2.84
N ILE B 7 1.70 12.86 -3.87
CA ILE B 7 1.32 12.59 -5.25
C ILE B 7 2.49 12.35 -6.18
N GLN B 8 2.37 11.31 -7.01
CA GLN B 8 3.38 10.98 -8.02
C GLN B 8 2.72 10.67 -9.38
N VAL B 9 3.09 11.43 -10.39
CA VAL B 9 2.58 11.22 -11.74
C VAL B 9 3.77 10.63 -12.51
N TYR B 10 3.54 9.50 -13.16
CA TYR B 10 4.59 8.81 -13.88
C TYR B 10 3.97 7.77 -14.84
N SER B 11 4.82 7.10 -15.62
CA SER B 11 4.38 6.10 -16.59
C SER B 11 4.87 4.71 -16.18
N ARG B 12 4.14 3.68 -16.60
CA ARG B 12 4.48 2.31 -16.29
C ARG B 12 5.80 1.89 -16.89
N HIS B 13 6.07 2.39 -18.10
CA HIS B 13 7.28 2.09 -18.85
C HIS B 13 7.93 3.40 -19.22
N PRO B 14 9.25 3.40 -19.51
CA PRO B 14 9.95 4.65 -19.88
C PRO B 14 9.28 5.23 -21.14
N ALA B 15 9.04 6.55 -21.13
CA ALA B 15 8.34 7.28 -22.20
C ALA B 15 8.95 7.46 -23.60
N GLU B 16 8.22 6.98 -24.60
CA GLU B 16 8.60 7.08 -26.02
C GLU B 16 7.48 7.72 -26.84
N ASN B 17 7.68 8.96 -27.31
CA ASN B 17 6.69 9.67 -28.13
C ASN B 17 6.19 8.70 -29.21
N GLY B 18 4.90 8.41 -29.26
CA GLY B 18 4.43 7.50 -30.29
C GLY B 18 4.07 6.12 -29.79
N LYS B 19 4.87 5.58 -28.87
CA LYS B 19 4.61 4.24 -28.30
C LYS B 19 3.60 4.34 -27.12
N SER B 20 2.59 3.47 -27.14
CA SER B 20 1.52 3.39 -26.14
C SER B 20 2.08 3.08 -24.74
N ASN B 21 1.37 3.52 -23.70
CA ASN B 21 1.85 3.34 -22.33
C ASN B 21 0.67 3.41 -21.36
N PHE B 22 0.99 3.70 -20.11
CA PHE B 22 0.03 3.84 -19.02
C PHE B 22 0.42 5.02 -18.16
N LEU B 23 -0.52 5.94 -18.01
CA LEU B 23 -0.33 7.14 -17.19
C LEU B 23 -0.78 6.75 -15.81
N ASN B 24 0.11 6.90 -14.84
CA ASN B 24 -0.17 6.54 -13.46
C ASN B 24 -0.15 7.74 -12.54
N CYS B 25 -1.07 7.74 -11.58
CA CYS B 25 -1.09 8.78 -10.56
C CYS B 25 -1.32 8.00 -9.28
N TYR B 26 -0.28 8.01 -8.44
CA TYR B 26 -0.30 7.29 -7.16
C TYR B 26 -0.43 8.28 -6.00
N VAL B 27 -1.50 8.13 -5.23
CA VAL B 27 -1.73 9.02 -4.10
C VAL B 27 -1.55 8.21 -2.84
N SER B 28 -0.71 8.70 -1.92
CA SER B 28 -0.46 7.96 -0.67
C SER B 28 -0.27 8.83 0.57
N GLY B 29 -0.32 8.17 1.72
CA GLY B 29 -0.11 8.86 2.98
C GLY B 29 -1.21 9.81 3.41
N PHE B 30 -2.44 9.60 2.97
CA PHE B 30 -3.54 10.47 3.36
C PHE B 30 -4.53 9.79 4.29
N HIS B 31 -5.25 10.60 5.02
CA HIS B 31 -6.27 10.13 5.96
C HIS B 31 -7.07 11.43 6.19
N PRO B 32 -8.42 11.35 6.13
CA PRO B 32 -9.25 10.17 5.86
C PRO B 32 -9.22 9.66 4.40
N SER B 33 -10.03 8.63 4.12
CA SER B 33 -10.05 8.00 2.82
C SER B 33 -10.67 8.70 1.62
N ASP B 34 -11.67 9.55 1.85
CA ASP B 34 -12.29 10.23 0.72
C ASP B 34 -11.24 11.06 0.00
N ILE B 35 -11.13 10.82 -1.30
CA ILE B 35 -10.16 11.53 -2.12
C ILE B 35 -10.73 11.62 -3.55
N GLU B 36 -10.37 12.67 -4.28
CA GLU B 36 -10.84 12.85 -5.64
C GLU B 36 -9.59 13.07 -6.47
N VAL B 37 -9.33 12.17 -7.39
CA VAL B 37 -8.16 12.27 -8.25
C VAL B 37 -8.58 12.26 -9.70
N ASP B 38 -8.03 13.18 -10.47
CA ASP B 38 -8.30 13.30 -11.92
C ASP B 38 -7.02 13.33 -12.74
N LEU B 39 -7.04 12.61 -13.86
CA LEU B 39 -5.92 12.58 -14.83
C LEU B 39 -6.29 13.61 -15.90
N LEU B 40 -5.39 14.58 -16.15
CA LEU B 40 -5.60 15.67 -17.11
C LEU B 40 -4.70 15.62 -18.36
N LYS B 41 -5.32 15.73 -19.53
CA LYS B 41 -4.63 15.73 -20.83
C LYS B 41 -4.79 17.13 -21.41
N ASN B 42 -3.77 17.97 -21.25
CA ASN B 42 -3.84 19.35 -21.75
C ASN B 42 -4.96 20.15 -21.08
N GLY B 43 -5.18 19.91 -19.80
CA GLY B 43 -6.21 20.62 -19.09
C GLY B 43 -7.56 19.96 -18.93
N GLU B 44 -8.00 19.17 -19.90
CA GLU B 44 -9.31 18.52 -19.82
C GLU B 44 -9.16 17.12 -19.21
N ARG B 45 -10.21 16.54 -18.66
CA ARG B 45 -10.06 15.24 -18.03
C ARG B 45 -10.36 13.98 -18.81
N ILE B 46 -9.47 13.01 -18.68
CA ILE B 46 -9.64 11.72 -19.36
C ILE B 46 -10.84 11.01 -18.73
N GLU B 47 -11.63 10.34 -19.56
CA GLU B 47 -12.83 9.66 -19.07
C GLU B 47 -12.58 8.31 -18.44
N LYS B 48 -12.08 7.37 -19.24
CA LYS B 48 -11.83 6.02 -18.75
C LYS B 48 -10.52 5.93 -17.99
N VAL B 49 -10.63 6.05 -16.66
CA VAL B 49 -9.51 5.98 -15.73
C VAL B 49 -9.88 4.96 -14.64
N GLU B 50 -9.00 3.99 -14.37
CA GLU B 50 -9.30 3.00 -13.35
C GLU B 50 -8.48 3.22 -12.06
N HIS B 51 -8.79 2.44 -11.03
CA HIS B 51 -8.05 2.54 -9.78
C HIS B 51 -8.08 1.28 -8.96
N SER B 52 -7.09 1.18 -8.09
CA SER B 52 -6.94 0.05 -7.18
C SER B 52 -7.98 0.10 -6.06
N ASP B 53 -8.17 -1.05 -5.41
CA ASP B 53 -9.08 -1.20 -4.28
C ASP B 53 -8.39 -0.53 -3.12
N LEU B 54 -9.17 0.17 -2.31
CA LEU B 54 -8.64 0.90 -1.17
C LEU B 54 -7.81 0.05 -0.20
N SER B 55 -6.67 0.59 0.22
CA SER B 55 -5.85 -0.09 1.21
C SER B 55 -5.02 0.95 1.95
N PHE B 56 -4.33 0.51 3.01
CA PHE B 56 -3.53 1.41 3.81
C PHE B 56 -2.21 0.76 4.23
N SER B 57 -1.23 1.60 4.53
CA SER B 57 0.09 1.18 4.95
C SER B 57 0.12 0.83 6.45
N LYS B 58 1.30 0.51 7.00
CA LYS B 58 1.37 0.18 8.41
C LYS B 58 1.18 1.40 9.35
N ASP B 59 1.20 2.62 8.80
CA ASP B 59 0.96 3.82 9.62
C ASP B 59 -0.50 4.28 9.51
N TRP B 60 -1.35 3.41 8.94
CA TRP B 60 -2.78 3.63 8.76
C TRP B 60 -3.20 4.55 7.62
N SER B 61 -2.27 5.26 7.02
CA SER B 61 -2.56 6.19 5.95
C SER B 61 -2.88 5.39 4.72
N PHE B 62 -3.82 5.90 3.92
CA PHE B 62 -4.28 5.23 2.70
C PHE B 62 -3.45 5.48 1.47
N TYR B 63 -3.66 4.63 0.48
CA TYR B 63 -2.97 4.76 -0.79
C TYR B 63 -3.84 4.12 -1.86
N LEU B 64 -3.82 4.76 -3.03
CA LEU B 64 -4.60 4.29 -4.18
C LEU B 64 -3.81 4.63 -5.46
N LEU B 65 -3.98 3.80 -6.49
CA LEU B 65 -3.34 4.02 -7.79
C LEU B 65 -4.41 4.34 -8.87
N TYR B 66 -4.28 5.48 -9.55
CA TYR B 66 -5.21 5.84 -10.62
C TYR B 66 -4.44 5.78 -11.92
N TYR B 67 -4.92 4.99 -12.87
CA TYR B 67 -4.25 4.84 -14.16
C TYR B 67 -5.13 4.93 -15.42
N THR B 68 -4.51 5.37 -16.51
CA THR B 68 -5.21 5.46 -17.78
C THR B 68 -4.24 5.11 -18.92
N GLU B 69 -4.69 4.25 -19.83
CA GLU B 69 -3.92 3.84 -21.01
C GLU B 69 -3.73 5.11 -21.82
N PHE B 70 -2.48 5.42 -22.17
CA PHE B 70 -2.20 6.64 -22.94
C PHE B 70 -1.10 6.42 -24.00
N THR B 71 -0.76 7.45 -24.76
CA THR B 71 0.30 7.36 -25.78
C THR B 71 0.94 8.74 -25.84
N PRO B 72 2.07 8.90 -25.13
CA PRO B 72 2.82 10.16 -25.07
C PRO B 72 3.19 10.70 -26.45
N THR B 73 3.42 12.00 -26.54
CA THR B 73 3.78 12.64 -27.81
C THR B 73 4.63 13.86 -27.46
N GLU B 74 5.25 14.46 -28.47
CA GLU B 74 6.11 15.62 -28.24
C GLU B 74 5.42 16.80 -27.53
N LYS B 75 4.23 17.16 -28.03
CA LYS B 75 3.45 18.29 -27.54
C LYS B 75 2.50 18.09 -26.33
N ASP B 76 1.71 17.02 -26.36
CA ASP B 76 0.75 16.74 -25.28
C ASP B 76 1.26 16.85 -23.85
N GLU B 77 0.43 17.44 -22.99
CA GLU B 77 0.73 17.59 -21.57
C GLU B 77 -0.21 16.71 -20.76
N TYR B 78 0.28 16.23 -19.62
CA TYR B 78 -0.53 15.41 -18.75
C TYR B 78 -0.26 15.85 -17.32
N ALA B 79 -1.29 15.72 -16.49
CA ALA B 79 -1.21 16.13 -15.09
C ALA B 79 -2.20 15.33 -14.27
N CYS B 80 -2.07 15.43 -12.96
CA CYS B 80 -2.97 14.75 -12.06
C CYS B 80 -3.51 15.83 -11.15
N ARG B 81 -4.81 15.83 -10.92
CA ARG B 81 -5.44 16.83 -10.05
C ARG B 81 -6.04 16.07 -8.88
N VAL B 82 -5.65 16.47 -7.68
CA VAL B 82 -6.10 15.78 -6.49
C VAL B 82 -6.82 16.71 -5.53
N ASN B 83 -7.96 16.26 -5.03
CA ASN B 83 -8.69 17.03 -4.02
C ASN B 83 -8.92 16.11 -2.82
N HIS B 84 -8.64 16.66 -1.64
CA HIS B 84 -8.81 15.93 -0.39
C HIS B 84 -9.18 16.98 0.67
N VAL B 85 -9.90 16.55 1.71
CA VAL B 85 -10.30 17.46 2.79
C VAL B 85 -9.18 18.39 3.31
N THR B 86 -7.94 17.91 3.33
CA THR B 86 -6.80 18.67 3.83
C THR B 86 -6.38 19.80 2.91
N LEU B 87 -6.89 19.77 1.68
CA LEU B 87 -6.53 20.75 0.66
C LEU B 87 -7.40 21.98 0.46
N SER B 88 -6.78 23.15 0.68
CA SER B 88 -7.44 24.44 0.54
C SER B 88 -8.13 24.52 -0.81
N GLN B 89 -7.53 23.87 -1.80
CA GLN B 89 -8.03 23.83 -3.17
C GLN B 89 -7.31 22.68 -3.87
N PRO B 90 -7.89 22.12 -4.94
CA PRO B 90 -7.31 21.01 -5.70
C PRO B 90 -5.86 21.21 -6.16
N LYS B 91 -4.99 20.26 -5.80
CA LYS B 91 -3.56 20.31 -6.15
C LYS B 91 -3.36 19.64 -7.50
N ILE B 92 -2.63 20.31 -8.39
CA ILE B 92 -2.36 19.74 -9.70
C ILE B 92 -0.88 19.49 -9.84
N VAL B 93 -0.52 18.28 -10.28
CA VAL B 93 0.87 17.87 -10.47
C VAL B 93 1.08 17.50 -11.92
N LYS B 94 1.96 18.24 -12.60
CA LYS B 94 2.27 18.02 -14.01
C LYS B 94 3.17 16.79 -14.15
N TRP B 95 2.85 15.91 -15.10
CA TRP B 95 3.68 14.74 -15.37
C TRP B 95 5.03 15.21 -15.91
N ASP B 96 6.12 14.66 -15.39
CA ASP B 96 7.44 15.02 -15.85
C ASP B 96 8.00 13.70 -16.36
N ARG B 97 8.64 13.73 -17.52
CA ARG B 97 9.21 12.54 -18.13
C ARG B 97 10.37 11.93 -17.30
N ASP B 98 11.15 12.80 -16.63
CA ASP B 98 12.31 12.38 -15.81
C ASP B 98 12.01 12.16 -14.33
N MET B 99 10.76 11.90 -13.95
CA MET B 99 10.42 11.69 -12.55
C MET B 99 9.42 10.55 -12.31
N THR C 1 -7.41 -17.38 3.64
CA THR C 1 -8.80 -17.18 4.08
C THR C 1 -8.77 -16.35 5.38
N PRO C 2 -9.78 -15.48 5.61
CA PRO C 2 -9.89 -14.60 6.79
C PRO C 2 -10.32 -15.29 8.07
N TYR C 3 -10.15 -14.61 9.21
CA TYR C 3 -10.57 -15.20 10.46
C TYR C 3 -12.04 -14.98 10.71
N ASP C 4 -12.53 -15.72 11.69
CA ASP C 4 -13.93 -15.72 12.04
C ASP C 4 -14.15 -15.53 13.53
N ILE C 5 -13.51 -14.53 14.13
CA ILE C 5 -13.67 -14.29 15.58
C ILE C 5 -14.59 -13.09 15.83
N ASN C 6 -15.06 -12.88 17.05
CA ASN C 6 -15.92 -11.73 17.28
C ASN C 6 -15.09 -10.49 17.52
N GLN C 7 -15.27 -9.56 16.61
CA GLN C 7 -14.55 -8.30 16.59
C GLN C 7 -15.35 -7.11 17.14
N MET C 8 -16.24 -7.36 18.12
CA MET C 8 -17.07 -6.30 18.73
C MET C 8 -16.30 -5.47 19.75
N LEU C 9 -16.23 -4.16 19.53
CA LEU C 9 -15.47 -3.29 20.40
C LEU C 9 -16.07 -3.17 21.80
#